data_2REK
#
_entry.id   2REK
#
_cell.length_a   68.484
_cell.length_b   70.459
_cell.length_c   72.102
_cell.angle_alpha   90.00
_cell.angle_beta   90.00
_cell.angle_gamma   90.00
#
_symmetry.space_group_name_H-M   'P 21 21 21'
#
loop_
_entity.id
_entity.type
_entity.pdbx_description
1 polymer 'Putative tetR-family transcriptional regulator'
2 non-polymer 'ACETATE ION'
3 water water
#
_entity_poly.entity_id   1
_entity_poly.type   'polypeptide(L)'
_entity_poly.pdbx_seq_one_letter_code
;MSWENPGPPKRADARRNYDRIIEAAAAEVARHGADASLEEIARRAGVGSATLHRHFPSRWGLLQAVFQERVAQLCDEARS
LAAEHPPATALTRWLTSLAVFGAVTRGAARSLLPATGTNTGAALDSRCEQLLTEAGADLLARAQEDGTVRDDVTALELLS
LANAVSLAAEHTPDAAHHATRLMGIALGGLGAPGPRPQG
;
_entity_poly.pdbx_strand_id   A,B
#
loop_
_chem_comp.id
_chem_comp.type
_chem_comp.name
_chem_comp.formula
ACT non-polymer 'ACETATE ION' 'C2 H3 O2 -1'
#
# COMPACT_ATOMS: atom_id res chain seq x y z
N ALA A 12 -15.38 -18.71 -3.85
CA ALA A 12 -14.53 -19.76 -3.22
C ALA A 12 -14.68 -19.71 -1.70
N ASP A 13 -14.91 -20.87 -1.09
CA ASP A 13 -14.97 -20.98 0.37
C ASP A 13 -13.61 -20.65 0.98
N ALA A 14 -12.53 -21.08 0.30
CA ALA A 14 -11.15 -20.82 0.73
C ALA A 14 -10.80 -19.33 0.82
N ARG A 15 -11.38 -18.54 -0.08
CA ARG A 15 -11.13 -17.11 -0.10
C ARG A 15 -11.78 -16.42 1.12
N ARG A 16 -12.99 -16.85 1.46
CA ARG A 16 -13.65 -16.45 2.71
C ARG A 16 -12.77 -16.74 3.93
N ASN A 17 -12.15 -17.91 3.96
CA ASN A 17 -11.25 -18.32 5.04
C ASN A 17 -10.04 -17.43 5.10
N TYR A 18 -9.41 -17.21 3.94
CA TYR A 18 -8.31 -16.27 3.80
C TYR A 18 -8.68 -14.91 4.43
N ASP A 19 -9.84 -14.37 4.05
CA ASP A 19 -10.32 -13.08 4.51
C ASP A 19 -10.52 -13.06 6.03
N ARG A 20 -11.16 -14.11 6.54
CA ARG A 20 -11.40 -14.25 7.97
C ARG A 20 -10.12 -14.39 8.77
N ILE A 21 -9.13 -15.12 8.22
CA ILE A 21 -7.82 -15.27 8.86
C ILE A 21 -7.12 -13.92 8.97
N ILE A 22 -7.14 -13.15 7.88
CA ILE A 22 -6.40 -11.88 7.82
C ILE A 22 -7.02 -10.83 8.74
N GLU A 23 -8.34 -10.70 8.71
CA GLU A 23 -9.06 -9.81 9.64
C GLU A 23 -8.80 -10.17 11.10
N ALA A 24 -8.80 -11.47 11.42
CA ALA A 24 -8.49 -11.94 12.77
C ALA A 24 -7.03 -11.71 13.15
N ALA A 25 -6.12 -11.99 12.23
CA ALA A 25 -4.70 -11.74 12.44
C ALA A 25 -4.42 -10.25 12.68
N ALA A 26 -5.04 -9.40 11.88
CA ALA A 26 -4.86 -7.95 12.03
C ALA A 26 -5.29 -7.46 13.43
N ALA A 27 -6.46 -7.91 13.88
CA ALA A 27 -7.00 -7.55 15.19
C ALA A 27 -6.13 -8.05 16.35
N GLU A 28 -5.60 -9.28 16.21
CA GLU A 28 -4.77 -9.90 17.24
C GLU A 28 -3.42 -9.20 17.43
N VAL A 29 -2.71 -8.95 16.33
CA VAL A 29 -1.45 -8.21 16.38
C VAL A 29 -1.67 -6.79 16.94
N ALA A 30 -2.74 -6.13 16.50
CA ALA A 30 -3.07 -4.78 16.99
C ALA A 30 -3.17 -4.74 18.52
N ARG A 31 -3.71 -5.80 19.10
CA ARG A 31 -3.92 -5.83 20.54
C ARG A 31 -2.77 -6.48 21.29
N HIS A 32 -1.98 -7.30 20.59
CA HIS A 32 -0.95 -8.12 21.23
C HIS A 32 0.45 -8.00 20.67
N GLY A 33 0.59 -7.31 19.54
CA GLY A 33 1.89 -7.11 18.90
C GLY A 33 2.68 -8.42 18.84
N ALA A 34 3.91 -8.36 19.33
CA ALA A 34 4.82 -9.52 19.33
C ALA A 34 4.28 -10.79 20.01
N ASP A 35 3.34 -10.61 20.94
CA ASP A 35 2.73 -11.74 21.67
C ASP A 35 1.48 -12.30 21.00
N ALA A 36 1.19 -11.84 19.78
CA ALA A 36 0.04 -12.33 19.01
C ALA A 36 -0.01 -13.86 18.97
N SER A 37 -1.21 -14.42 19.09
CA SER A 37 -1.41 -15.87 19.20
C SER A 37 -2.00 -16.50 17.94
N LEU A 38 -1.22 -17.36 17.29
CA LEU A 38 -1.68 -18.11 16.10
C LEU A 38 -2.94 -18.93 16.39
N GLU A 39 -2.95 -19.60 17.55
CA GLU A 39 -4.12 -20.37 17.99
C GLU A 39 -5.37 -19.51 18.15
N GLU A 40 -5.19 -18.31 18.68
CA GLU A 40 -6.30 -17.36 18.84
C GLU A 40 -6.76 -16.84 17.47
N ILE A 41 -5.80 -16.57 16.59
CA ILE A 41 -6.13 -16.15 15.22
C ILE A 41 -6.97 -17.21 14.50
N ALA A 42 -6.47 -18.45 14.48
CA ALA A 42 -7.19 -19.57 13.88
C ALA A 42 -8.58 -19.74 14.47
N ARG A 43 -8.68 -19.65 15.80
CA ARG A 43 -9.96 -19.84 16.49
C ARG A 43 -10.94 -18.76 16.08
N ARG A 44 -10.49 -17.50 16.14
CA ARG A 44 -11.35 -16.36 15.79
C ARG A 44 -11.73 -16.38 14.30
N ALA A 45 -10.82 -16.86 13.45
CA ALA A 45 -11.06 -17.03 12.01
C ALA A 45 -12.02 -18.19 11.71
N GLY A 46 -12.19 -19.09 12.68
CA GLY A 46 -13.04 -20.26 12.52
C GLY A 46 -12.43 -21.30 11.59
N VAL A 47 -11.10 -21.38 11.58
CA VAL A 47 -10.39 -22.38 10.79
C VAL A 47 -9.49 -23.22 11.68
N GLY A 48 -9.09 -24.38 11.16
CA GLY A 48 -8.19 -25.26 11.89
C GLY A 48 -6.76 -24.82 11.74
N SER A 49 -5.91 -25.29 12.65
CA SER A 49 -4.46 -25.08 12.63
C SER A 49 -3.86 -25.34 11.24
N ALA A 50 -4.26 -26.45 10.61
CA ALA A 50 -3.73 -26.86 9.31
C ALA A 50 -4.11 -25.91 8.17
N THR A 51 -5.38 -25.49 8.17
CA THR A 51 -5.87 -24.52 7.19
C THR A 51 -5.04 -23.23 7.22
N LEU A 52 -4.93 -22.62 8.42
CA LEU A 52 -4.14 -21.40 8.61
C LEU A 52 -2.74 -21.54 8.05
N HIS A 53 -2.08 -22.64 8.40
CA HIS A 53 -0.72 -22.93 7.97
C HIS A 53 -0.57 -23.07 6.47
N ARG A 54 -1.60 -23.62 5.81
CA ARG A 54 -1.59 -23.79 4.37
C ARG A 54 -1.65 -22.45 3.64
N HIS A 55 -2.51 -21.55 4.12
CA HIS A 55 -2.66 -20.21 3.54
C HIS A 55 -1.43 -19.36 3.85
N PHE A 56 -0.83 -19.60 5.02
CA PHE A 56 0.31 -18.80 5.49
C PHE A 56 1.42 -19.68 6.11
N PRO A 57 2.28 -20.26 5.25
CA PRO A 57 3.52 -20.99 5.60
C PRO A 57 4.33 -20.40 6.76
N SER A 58 4.53 -19.08 6.74
CA SER A 58 5.38 -18.41 7.73
C SER A 58 4.61 -17.35 8.50
N ARG A 59 5.08 -17.06 9.70
CA ARG A 59 4.62 -15.91 10.48
C ARG A 59 4.91 -14.62 9.71
N TRP A 60 6.08 -14.56 9.07
CA TRP A 60 6.48 -13.39 8.29
C TRP A 60 5.50 -13.06 7.16
N GLY A 61 5.07 -14.09 6.44
CA GLY A 61 4.10 -13.95 5.35
C GLY A 61 2.73 -13.48 5.83
N LEU A 62 2.35 -13.90 7.03
CA LEU A 62 1.08 -13.49 7.62
C LEU A 62 1.15 -12.02 8.03
N LEU A 63 2.27 -11.62 8.64
CA LEU A 63 2.51 -10.22 9.03
C LEU A 63 2.40 -9.26 7.84
N GLN A 64 2.98 -9.65 6.71
CA GLN A 64 2.90 -8.81 5.49
C GLN A 64 1.47 -8.62 5.00
N ALA A 65 0.68 -9.69 5.01
CA ALA A 65 -0.73 -9.60 4.67
C ALA A 65 -1.48 -8.76 5.71
N VAL A 66 -1.06 -8.84 6.97
CA VAL A 66 -1.63 -7.98 8.02
C VAL A 66 -1.40 -6.50 7.69
N PHE A 67 -0.17 -6.14 7.29
CA PHE A 67 0.14 -4.76 6.88
C PHE A 67 -0.81 -4.29 5.77
N GLN A 68 -1.02 -5.14 4.75
CA GLN A 68 -1.93 -4.80 3.63
C GLN A 68 -3.34 -4.49 4.13
N GLU A 69 -3.81 -5.37 5.01
CA GLU A 69 -5.14 -5.29 5.55
C GLU A 69 -5.31 -4.04 6.40
N ARG A 70 -4.34 -3.75 7.24
CA ARG A 70 -4.42 -2.55 8.10
C ARG A 70 -4.34 -1.27 7.27
N VAL A 71 -3.54 -1.29 6.21
CA VAL A 71 -3.49 -0.12 5.30
C VAL A 71 -4.86 0.16 4.67
N ALA A 72 -5.53 -0.89 4.20
CA ALA A 72 -6.89 -0.79 3.67
C ALA A 72 -7.84 -0.22 4.71
N GLN A 73 -7.73 -0.74 5.94
CA GLN A 73 -8.57 -0.28 7.05
C GLN A 73 -8.29 1.19 7.38
N LEU A 74 -7.01 1.56 7.36
CA LEU A 74 -6.64 2.97 7.61
C LEU A 74 -7.17 3.90 6.52
N CYS A 75 -7.14 3.47 5.27
CA CYS A 75 -7.71 4.29 4.21
C CYS A 75 -9.23 4.47 4.38
N ASP A 76 -9.93 3.40 4.75
CA ASP A 76 -11.36 3.44 5.07
C ASP A 76 -11.62 4.37 6.29
N GLU A 77 -10.74 4.28 7.27
CA GLU A 77 -10.82 5.10 8.47
C GLU A 77 -10.73 6.60 8.18
N ALA A 78 -9.86 6.99 7.24
CA ALA A 78 -9.79 8.38 6.76
C ALA A 78 -11.17 8.91 6.32
N ARG A 79 -11.94 8.06 5.64
CA ARG A 79 -13.31 8.42 5.24
C ARG A 79 -14.33 8.54 6.36
N SER A 80 -14.40 7.55 7.26
CA SER A 80 -15.33 7.61 8.38
C SER A 80 -14.98 8.79 9.31
N LEU A 81 -13.70 9.00 9.56
CA LEU A 81 -13.28 10.17 10.34
C LEU A 81 -13.71 11.51 9.72
N ALA A 82 -13.52 11.66 8.41
CA ALA A 82 -13.86 12.91 7.69
C ALA A 82 -15.37 13.15 7.76
N ALA A 83 -16.14 12.06 7.76
CA ALA A 83 -17.61 12.14 7.87
C ALA A 83 -18.11 12.44 9.28
N GLU A 84 -17.34 12.05 10.29
CA GLU A 84 -17.81 12.12 11.67
C GLU A 84 -17.21 13.23 12.52
N HIS A 85 -16.16 13.88 12.02
CA HIS A 85 -15.43 14.88 12.82
C HIS A 85 -15.05 16.06 11.92
N PRO A 86 -14.88 17.25 12.53
CA PRO A 86 -14.38 18.41 11.79
C PRO A 86 -12.97 18.05 11.24
N PRO A 87 -12.58 18.65 10.11
CA PRO A 87 -11.37 18.31 9.37
C PRO A 87 -10.09 18.24 10.21
N ALA A 88 -9.84 19.21 11.08
CA ALA A 88 -8.64 19.17 11.94
C ALA A 88 -8.64 17.96 12.88
N THR A 89 -9.80 17.67 13.49
CA THR A 89 -9.94 16.52 14.38
C THR A 89 -9.77 15.21 13.62
N ALA A 90 -10.37 15.13 12.44
CA ALA A 90 -10.27 13.94 11.62
C ALA A 90 -8.78 13.68 11.32
N LEU A 91 -8.05 14.75 10.95
CA LEU A 91 -6.62 14.65 10.66
C LEU A 91 -5.79 14.15 11.84
N THR A 92 -6.01 14.76 13.00
CA THR A 92 -5.21 14.39 14.17
C THR A 92 -5.51 12.96 14.62
N ARG A 93 -6.79 12.58 14.64
CA ARG A 93 -7.17 11.21 15.01
C ARG A 93 -6.56 10.20 14.05
N TRP A 94 -6.56 10.51 12.76
CA TRP A 94 -6.06 9.58 11.77
C TRP A 94 -4.53 9.42 11.92
N LEU A 95 -3.84 10.54 12.08
CA LEU A 95 -2.39 10.50 12.33
C LEU A 95 -2.04 9.74 13.63
N THR A 96 -2.89 9.89 14.65
CA THR A 96 -2.70 9.10 15.88
C THR A 96 -2.83 7.60 15.58
N SER A 97 -3.87 7.23 14.82
CA SER A 97 -4.07 5.81 14.43
C SER A 97 -2.87 5.23 13.68
N LEU A 98 -2.36 6.04 12.77
CA LEU A 98 -1.18 5.67 11.99
C LEU A 98 0.02 5.44 12.89
N ALA A 99 0.27 6.36 13.84
CA ALA A 99 1.37 6.21 14.79
C ALA A 99 1.25 4.94 15.61
N VAL A 100 0.04 4.68 16.12
CA VAL A 100 -0.21 3.47 16.90
C VAL A 100 0.04 2.20 16.07
N PHE A 101 -0.44 2.21 14.83
CA PHE A 101 -0.21 1.11 13.87
C PHE A 101 1.30 0.84 13.74
N GLY A 102 2.07 1.90 13.50
CA GLY A 102 3.51 1.75 13.40
C GLY A 102 4.18 1.23 14.67
N ALA A 103 3.76 1.75 15.82
CA ALA A 103 4.35 1.36 17.09
C ALA A 103 4.10 -0.12 17.44
N VAL A 104 2.85 -0.55 17.28
CA VAL A 104 2.40 -1.87 17.74
C VAL A 104 2.58 -2.91 16.64
N THR A 105 1.92 -2.67 15.50
CA THR A 105 1.86 -3.67 14.43
C THR A 105 3.17 -3.74 13.63
N ARG A 106 3.62 -2.62 13.07
CA ARG A 106 4.92 -2.60 12.39
C ARG A 106 6.05 -2.98 13.36
N GLY A 107 5.99 -2.47 14.59
CA GLY A 107 6.95 -2.79 15.64
C GLY A 107 7.07 -4.27 15.97
N ALA A 108 5.95 -4.98 15.88
CA ALA A 108 5.90 -6.44 16.09
C ALA A 108 6.75 -7.22 15.07
N ALA A 109 6.86 -6.70 13.85
CA ALA A 109 7.71 -7.28 12.81
C ALA A 109 9.16 -7.53 13.23
N ARG A 110 9.64 -6.80 14.24
CA ARG A 110 10.96 -7.06 14.85
C ARG A 110 11.06 -8.42 15.54
N SER A 111 9.94 -8.93 16.06
CA SER A 111 9.89 -10.25 16.72
C SER A 111 10.09 -11.43 15.75
N LEU A 112 9.92 -11.17 14.46
CA LEU A 112 10.08 -12.18 13.42
C LEU A 112 11.08 -11.73 12.36
N ALA A 122 9.14 -5.75 8.82
CA ALA A 122 10.09 -4.66 8.78
C ALA A 122 9.34 -3.36 8.48
N ALA A 123 8.94 -3.20 7.22
CA ALA A 123 8.41 -1.94 6.69
C ALA A 123 7.22 -2.20 5.75
N LEU A 124 6.42 -1.17 5.51
CA LEU A 124 5.36 -1.27 4.50
C LEU A 124 5.95 -1.34 3.11
N ASP A 125 5.23 -1.99 2.20
CA ASP A 125 5.66 -1.93 0.81
C ASP A 125 5.40 -0.54 0.24
N SER A 126 5.98 -0.27 -0.93
CA SER A 126 5.88 1.04 -1.55
C SER A 126 4.45 1.41 -1.91
N ARG A 127 3.65 0.45 -2.40
CA ARG A 127 2.27 0.76 -2.78
C ARG A 127 1.48 1.20 -1.54
N CYS A 128 1.67 0.46 -0.45
CA CYS A 128 0.96 0.73 0.80
C CYS A 128 1.36 2.10 1.36
N GLU A 129 2.67 2.36 1.39
CA GLU A 129 3.16 3.68 1.85
C GLU A 129 2.51 4.77 1.02
N GLN A 130 2.42 4.57 -0.28
CA GLN A 130 1.83 5.61 -1.11
C GLN A 130 0.33 5.77 -0.87
N LEU A 131 -0.37 4.68 -0.64
CA LEU A 131 -1.79 4.78 -0.29
C LEU A 131 -2.05 5.60 0.97
N LEU A 132 -1.25 5.37 1.99
CA LEU A 132 -1.37 6.14 3.22
C LEU A 132 -1.09 7.60 2.96
N THR A 133 -0.04 7.87 2.18
CA THR A 133 0.31 9.24 1.82
C THR A 133 -0.89 9.96 1.18
N GLU A 134 -1.55 9.30 0.24
CA GLU A 134 -2.71 9.88 -0.47
C GLU A 134 -3.87 10.18 0.48
N ALA A 135 -4.16 9.25 1.38
CA ALA A 135 -5.23 9.45 2.38
C ALA A 135 -4.88 10.61 3.32
N GLY A 136 -3.64 10.65 3.80
CA GLY A 136 -3.16 11.78 4.62
C GLY A 136 -3.30 13.11 3.90
N ALA A 137 -2.81 13.17 2.66
CA ALA A 137 -2.93 14.37 1.82
C ALA A 137 -4.38 14.91 1.73
N ASP A 138 -5.33 14.00 1.53
CA ASP A 138 -6.75 14.37 1.48
C ASP A 138 -7.23 15.00 2.79
N LEU A 139 -6.98 14.35 3.92
CA LEU A 139 -7.38 14.90 5.20
C LEU A 139 -6.69 16.25 5.46
N LEU A 140 -5.42 16.32 5.10
CA LEU A 140 -4.67 17.54 5.33
C LEU A 140 -5.25 18.67 4.47
N ALA A 141 -5.44 18.41 3.19
CA ALA A 141 -6.02 19.43 2.31
C ALA A 141 -7.35 20.01 2.82
N ARG A 142 -8.24 19.16 3.37
CA ARG A 142 -9.52 19.62 3.92
C ARG A 142 -9.36 20.49 5.18
N ALA A 143 -8.40 20.14 6.04
CA ALA A 143 -8.16 20.91 7.26
C ALA A 143 -7.44 22.22 6.94
N GLN A 144 -6.65 22.24 5.87
CA GLN A 144 -6.06 23.50 5.41
C GLN A 144 -7.12 24.40 4.79
N GLU A 145 -7.95 23.81 3.93
CA GLU A 145 -9.07 24.53 3.29
C GLU A 145 -9.99 25.24 4.29
N ASP A 146 -10.31 24.61 5.40
CA ASP A 146 -11.19 25.25 6.38
C ASP A 146 -10.45 26.17 7.37
N GLY A 147 -9.14 26.34 7.14
CA GLY A 147 -8.29 27.28 7.91
C GLY A 147 -7.89 26.91 9.33
N THR A 148 -8.00 25.63 9.69
CA THR A 148 -7.73 25.23 11.07
C THR A 148 -6.33 24.63 11.24
N VAL A 149 -5.72 24.24 10.13
CA VAL A 149 -4.38 23.64 10.13
C VAL A 149 -3.49 24.49 9.22
N ARG A 150 -2.24 24.70 9.65
CA ARG A 150 -1.27 25.54 8.95
C ARG A 150 -1.10 25.16 7.48
N ASP A 151 -0.96 26.16 6.63
CA ASP A 151 -0.95 25.92 5.20
C ASP A 151 0.42 25.45 4.70
N ASP A 152 1.44 25.49 5.54
CA ASP A 152 2.82 25.23 5.09
C ASP A 152 3.31 23.79 5.26
N VAL A 153 2.48 22.91 5.80
CA VAL A 153 2.88 21.51 6.00
C VAL A 153 2.40 20.62 4.87
N THR A 154 3.01 19.44 4.73
CA THR A 154 2.75 18.51 3.62
C THR A 154 2.38 17.15 4.19
N ALA A 155 1.67 16.34 3.40
CA ALA A 155 1.38 14.97 3.79
C ALA A 155 2.67 14.16 4.06
N LEU A 156 3.70 14.32 3.23
CA LEU A 156 4.96 13.60 3.47
C LEU A 156 5.55 13.92 4.86
N GLU A 157 5.52 15.19 5.24
CA GLU A 157 6.01 15.58 6.54
C GLU A 157 5.22 14.91 7.67
N LEU A 158 3.89 14.91 7.56
CA LEU A 158 3.03 14.41 8.63
C LEU A 158 3.13 12.89 8.75
N LEU A 159 3.20 12.19 7.61
CA LEU A 159 3.45 10.75 7.63
C LEU A 159 4.81 10.40 8.22
N SER A 160 5.82 11.21 7.89
CA SER A 160 7.15 11.04 8.49
C SER A 160 7.15 11.30 9.99
N LEU A 161 6.38 12.30 10.43
CA LEU A 161 6.20 12.54 11.87
C LEU A 161 5.51 11.33 12.55
N ALA A 162 4.48 10.80 11.90
CA ALA A 162 3.84 9.54 12.41
C ALA A 162 4.87 8.41 12.54
N ASN A 163 5.71 8.26 11.52
CA ASN A 163 6.85 7.30 11.54
C ASN A 163 7.78 7.53 12.74
N ALA A 164 8.15 8.78 12.98
CA ALA A 164 8.99 9.12 14.13
C ALA A 164 8.37 8.68 15.44
N VAL A 165 7.09 8.99 15.61
CA VAL A 165 6.40 8.59 16.83
C VAL A 165 6.39 7.06 16.99
N SER A 166 6.10 6.36 15.88
CA SER A 166 6.13 4.89 15.85
C SER A 166 7.49 4.34 16.32
N LEU A 167 8.58 4.93 15.82
CA LEU A 167 9.94 4.58 16.29
C LEU A 167 10.21 4.89 17.77
N ALA A 168 9.62 5.96 18.27
CA ALA A 168 9.74 6.35 19.67
C ALA A 168 9.01 5.38 20.62
N ALA A 169 7.90 4.81 20.15
CA ALA A 169 7.02 4.05 21.03
C ALA A 169 7.16 2.52 20.91
N GLU A 170 7.67 2.05 19.77
CA GLU A 170 7.75 0.61 19.51
C GLU A 170 8.62 -0.08 20.57
N HIS A 171 8.31 -1.34 20.87
CA HIS A 171 9.09 -2.18 21.80
C HIS A 171 9.13 -1.68 23.25
N THR A 172 8.34 -0.66 23.56
CA THR A 172 8.19 -0.14 24.91
C THR A 172 6.88 -0.71 25.43
N PRO A 173 6.78 -0.94 26.75
CA PRO A 173 5.46 -1.35 27.23
C PRO A 173 4.52 -0.16 27.07
N ASP A 174 3.22 -0.43 26.93
CA ASP A 174 2.25 0.65 26.85
C ASP A 174 2.50 1.44 25.55
N ALA A 175 3.01 0.74 24.53
CA ALA A 175 3.33 1.33 23.23
C ALA A 175 2.19 2.13 22.58
N ALA A 176 0.99 1.56 22.52
CA ALA A 176 -0.17 2.30 21.98
C ALA A 176 -0.41 3.62 22.76
N HIS A 177 -0.36 3.55 24.10
CA HIS A 177 -0.52 4.76 24.92
C HIS A 177 0.58 5.77 24.61
N HIS A 178 1.82 5.29 24.58
N HIS A 178 1.81 5.27 24.56
CA HIS A 178 2.97 6.19 24.37
CA HIS A 178 2.99 6.09 24.36
C HIS A 178 2.94 6.83 22.98
C HIS A 178 2.97 6.78 23.00
N ALA A 179 2.59 6.04 21.96
CA ALA A 179 2.42 6.58 20.61
C ALA A 179 1.31 7.66 20.58
N THR A 180 0.20 7.39 21.25
CA THR A 180 -0.94 8.31 21.27
C THR A 180 -0.58 9.64 21.92
N ARG A 181 0.10 9.52 23.06
CA ARG A 181 0.54 10.65 23.85
C ARG A 181 1.55 11.50 23.06
N LEU A 182 2.56 10.85 22.47
CA LEU A 182 3.61 11.61 21.76
C LEU A 182 3.07 12.27 20.49
N MET A 183 2.22 11.55 19.74
CA MET A 183 1.57 12.15 18.56
C MET A 183 0.74 13.34 18.98
N GLY A 184 0.00 13.20 20.08
CA GLY A 184 -0.83 14.29 20.60
C GLY A 184 -0.01 15.54 20.90
N ILE A 185 1.10 15.35 21.59
CA ILE A 185 2.01 16.48 21.90
C ILE A 185 2.51 17.12 20.61
N ALA A 186 3.01 16.29 19.69
CA ALA A 186 3.61 16.76 18.45
C ALA A 186 2.61 17.58 17.59
N LEU A 187 1.35 17.13 17.53
CA LEU A 187 0.36 17.83 16.71
C LEU A 187 -0.17 19.11 17.37
N GLY A 188 -0.13 19.12 18.70
CA GLY A 188 -0.58 20.28 19.51
C GLY A 188 0.51 21.35 19.58
N GLY A 189 1.76 20.92 19.67
CA GLY A 189 2.88 21.87 19.79
C GLY A 189 3.07 22.34 21.23
N LEU A 190 4.09 23.15 21.47
CA LEU A 190 4.50 23.53 22.83
C LEU A 190 3.74 24.71 23.42
N GLY A 191 3.02 25.43 22.59
CA GLY A 191 2.44 26.70 22.98
C GLY A 191 1.47 26.68 24.15
N ALA A 192 1.41 27.84 24.80
CA ALA A 192 0.46 28.17 25.87
C ALA A 192 0.77 27.44 27.16
N ARG B 11 -24.94 12.94 -8.02
CA ARG B 11 -23.57 13.16 -8.58
C ARG B 11 -22.47 12.87 -7.54
N ALA B 12 -22.79 13.11 -6.27
CA ALA B 12 -21.89 12.81 -5.16
C ALA B 12 -21.86 11.31 -4.86
N ASP B 13 -23.05 10.72 -4.72
CA ASP B 13 -23.18 9.27 -4.50
C ASP B 13 -22.56 8.47 -5.64
N ALA B 14 -22.74 8.94 -6.88
CA ALA B 14 -22.20 8.29 -8.07
C ALA B 14 -20.67 8.27 -8.04
N ARG B 15 -20.06 9.44 -7.85
CA ARG B 15 -18.60 9.56 -7.80
C ARG B 15 -18.01 8.88 -6.56
N ARG B 16 -18.68 9.02 -5.41
CA ARG B 16 -18.22 8.31 -4.22
C ARG B 16 -18.13 6.81 -4.54
N ASN B 17 -19.12 6.32 -5.31
CA ASN B 17 -19.15 4.91 -5.72
C ASN B 17 -18.12 4.55 -6.77
N TYR B 18 -17.89 5.44 -7.73
CA TYR B 18 -16.81 5.27 -8.69
C TYR B 18 -15.50 5.01 -7.96
N ASP B 19 -15.14 5.93 -7.05
CA ASP B 19 -13.86 5.95 -6.37
C ASP B 19 -13.67 4.74 -5.48
N ARG B 20 -14.76 4.29 -4.88
CA ARG B 20 -14.74 3.15 -3.97
C ARG B 20 -14.53 1.88 -4.77
N ILE B 21 -15.14 1.82 -5.96
CA ILE B 21 -14.99 0.68 -6.85
C ILE B 21 -13.54 0.61 -7.36
N ILE B 22 -13.03 1.73 -7.89
CA ILE B 22 -11.65 1.74 -8.38
C ILE B 22 -10.65 1.42 -7.28
N GLU B 23 -10.81 2.03 -6.11
CA GLU B 23 -9.94 1.73 -4.97
C GLU B 23 -9.96 0.24 -4.61
N ALA B 24 -11.17 -0.34 -4.54
CA ALA B 24 -11.34 -1.75 -4.21
C ALA B 24 -10.77 -2.66 -5.29
N ALA B 25 -11.04 -2.31 -6.55
CA ALA B 25 -10.54 -3.09 -7.68
C ALA B 25 -9.03 -3.10 -7.71
N ALA B 26 -8.42 -1.92 -7.50
CA ALA B 26 -6.96 -1.85 -7.56
C ALA B 26 -6.33 -2.66 -6.42
N ALA B 27 -6.91 -2.60 -5.23
CA ALA B 27 -6.38 -3.36 -4.09
C ALA B 27 -6.52 -4.87 -4.28
N GLU B 28 -7.67 -5.29 -4.83
CA GLU B 28 -7.94 -6.70 -5.11
C GLU B 28 -6.96 -7.27 -6.13
N VAL B 29 -6.79 -6.56 -7.23
CA VAL B 29 -5.77 -6.94 -8.22
C VAL B 29 -4.39 -6.99 -7.57
N ALA B 30 -4.03 -5.93 -6.85
CA ALA B 30 -2.69 -5.89 -6.22
C ALA B 30 -2.43 -7.05 -5.26
N ARG B 31 -3.45 -7.44 -4.51
CA ARG B 31 -3.32 -8.46 -3.47
C ARG B 31 -3.61 -9.89 -3.95
N HIS B 32 -4.36 -10.03 -5.04
CA HIS B 32 -4.73 -11.36 -5.54
C HIS B 32 -4.31 -11.72 -6.99
N GLY B 33 -3.82 -10.75 -7.75
CA GLY B 33 -3.28 -11.00 -9.08
C GLY B 33 -4.23 -11.83 -9.92
N ALA B 34 -3.72 -12.95 -10.47
CA ALA B 34 -4.50 -13.85 -11.34
C ALA B 34 -5.75 -14.41 -10.68
N ASP B 35 -5.82 -14.31 -9.35
CA ASP B 35 -6.93 -14.82 -8.57
C ASP B 35 -7.89 -13.71 -8.17
N ALA B 36 -7.74 -12.53 -8.77
CA ALA B 36 -8.61 -11.38 -8.49
C ALA B 36 -10.07 -11.75 -8.68
N SER B 37 -10.93 -11.33 -7.76
CA SER B 37 -12.34 -11.69 -7.77
C SER B 37 -13.26 -10.49 -7.86
N LEU B 38 -14.10 -10.45 -8.90
CA LEU B 38 -15.05 -9.34 -9.06
C LEU B 38 -16.11 -9.30 -7.97
N GLU B 39 -16.48 -10.47 -7.43
CA GLU B 39 -17.46 -10.51 -6.34
C GLU B 39 -16.89 -9.83 -5.12
N GLU B 40 -15.60 -10.10 -4.85
CA GLU B 40 -14.90 -9.53 -3.70
C GLU B 40 -14.74 -8.02 -3.85
N ILE B 41 -14.43 -7.58 -5.07
CA ILE B 41 -14.35 -6.13 -5.38
C ILE B 41 -15.67 -5.44 -5.06
N ALA B 42 -16.76 -6.01 -5.57
CA ALA B 42 -18.09 -5.41 -5.36
C ALA B 42 -18.46 -5.42 -3.89
N ARG B 43 -18.22 -6.55 -3.22
CA ARG B 43 -18.43 -6.65 -1.77
C ARG B 43 -17.65 -5.57 -1.01
N ARG B 44 -16.34 -5.47 -1.26
CA ARG B 44 -15.46 -4.53 -0.55
C ARG B 44 -15.73 -3.05 -0.81
N ALA B 45 -16.26 -2.73 -1.99
CA ALA B 45 -16.65 -1.35 -2.31
C ALA B 45 -18.05 -1.02 -1.78
N GLY B 46 -18.77 -2.07 -1.38
CA GLY B 46 -20.15 -1.94 -0.89
C GLY B 46 -21.10 -1.47 -1.98
N VAL B 47 -21.03 -2.12 -3.14
CA VAL B 47 -21.95 -1.85 -4.25
C VAL B 47 -22.61 -3.13 -4.72
N GLY B 48 -23.68 -3.00 -5.49
CA GLY B 48 -24.34 -4.15 -6.10
C GLY B 48 -23.87 -4.34 -7.53
N SER B 49 -24.12 -5.53 -8.09
CA SER B 49 -23.73 -5.85 -9.47
C SER B 49 -24.17 -4.77 -10.47
N ALA B 50 -25.40 -4.27 -10.29
CA ALA B 50 -25.99 -3.29 -11.20
C ALA B 50 -25.34 -1.91 -11.09
N THR B 51 -24.97 -1.53 -9.86
CA THR B 51 -24.23 -0.28 -9.64
C THR B 51 -22.81 -0.37 -10.21
N LEU B 52 -22.17 -1.53 -10.00
CA LEU B 52 -20.87 -1.83 -10.59
C LEU B 52 -20.94 -1.74 -12.12
N HIS B 53 -21.88 -2.47 -12.72
CA HIS B 53 -22.05 -2.51 -14.17
C HIS B 53 -22.42 -1.14 -14.77
N ARG B 54 -23.08 -0.29 -13.97
CA ARG B 54 -23.45 1.06 -14.42
C ARG B 54 -22.21 1.95 -14.63
N HIS B 55 -21.29 1.92 -13.67
CA HIS B 55 -20.06 2.69 -13.77
C HIS B 55 -19.07 2.07 -14.76
N PHE B 56 -19.09 0.73 -14.83
CA PHE B 56 -18.18 -0.04 -15.68
C PHE B 56 -18.93 -1.12 -16.45
N PRO B 57 -19.51 -0.77 -17.61
CA PRO B 57 -20.21 -1.74 -18.48
C PRO B 57 -19.34 -2.89 -18.98
N SER B 58 -18.04 -2.69 -19.11
CA SER B 58 -17.15 -3.77 -19.53
C SER B 58 -16.05 -4.02 -18.53
N ARG B 59 -15.56 -5.27 -18.52
CA ARG B 59 -14.36 -5.63 -17.77
C ARG B 59 -13.16 -4.83 -18.29
N TRP B 60 -13.12 -4.61 -19.61
CA TRP B 60 -12.11 -3.77 -20.23
C TRP B 60 -12.05 -2.42 -19.51
N GLY B 61 -13.21 -1.78 -19.36
CA GLY B 61 -13.32 -0.43 -18.80
C GLY B 61 -12.81 -0.38 -17.37
N LEU B 62 -13.17 -1.38 -16.57
CA LEU B 62 -12.75 -1.45 -15.18
C LEU B 62 -11.23 -1.66 -15.06
N LEU B 63 -10.68 -2.56 -15.87
CA LEU B 63 -9.23 -2.84 -15.82
C LEU B 63 -8.45 -1.65 -16.29
N GLN B 64 -8.92 -1.00 -17.36
CA GLN B 64 -8.25 0.23 -17.82
C GLN B 64 -8.24 1.32 -16.75
N ALA B 65 -9.36 1.49 -16.06
CA ALA B 65 -9.43 2.44 -14.94
C ALA B 65 -8.51 2.03 -13.79
N VAL B 66 -8.46 0.75 -13.47
CA VAL B 66 -7.47 0.26 -12.49
C VAL B 66 -6.04 0.62 -12.96
N PHE B 67 -5.72 0.32 -14.22
CA PHE B 67 -4.39 0.71 -14.74
C PHE B 67 -4.11 2.20 -14.57
N GLN B 68 -5.07 3.05 -14.93
CA GLN B 68 -4.85 4.50 -14.86
C GLN B 68 -4.62 4.97 -13.42
N GLU B 69 -5.41 4.40 -12.54
CA GLU B 69 -5.29 4.73 -11.12
C GLU B 69 -3.92 4.28 -10.56
N ARG B 70 -3.51 3.06 -10.88
CA ARG B 70 -2.24 2.54 -10.37
C ARG B 70 -1.08 3.32 -10.96
N VAL B 71 -1.17 3.68 -12.24
CA VAL B 71 -0.11 4.50 -12.84
C VAL B 71 -0.02 5.88 -12.18
N ALA B 72 -1.16 6.53 -11.92
CA ALA B 72 -1.17 7.79 -11.14
C ALA B 72 -0.43 7.61 -9.78
N GLN B 73 -0.77 6.54 -9.08
CA GLN B 73 -0.12 6.21 -7.81
C GLN B 73 1.37 5.95 -7.97
N LEU B 74 1.76 5.20 -9.00
CA LEU B 74 3.18 4.96 -9.22
C LEU B 74 3.95 6.25 -9.50
N CYS B 75 3.33 7.15 -10.26
CA CYS B 75 4.01 8.42 -10.55
C CYS B 75 4.17 9.28 -9.28
N ASP B 76 3.11 9.33 -8.46
CA ASP B 76 3.17 9.94 -7.12
C ASP B 76 4.23 9.25 -6.24
N GLU B 77 4.25 7.93 -6.27
CA GLU B 77 5.26 7.17 -5.54
C GLU B 77 6.70 7.55 -5.91
N ALA B 78 6.96 7.77 -7.20
CA ALA B 78 8.30 8.21 -7.64
C ALA B 78 8.68 9.53 -6.98
N ARG B 79 7.73 10.46 -6.90
CA ARG B 79 7.98 11.76 -6.24
C ARG B 79 8.19 11.59 -4.74
N SER B 80 7.35 10.78 -4.11
CA SER B 80 7.50 10.47 -2.66
C SER B 80 8.85 9.82 -2.38
N LEU B 81 9.16 8.78 -3.13
CA LEU B 81 10.45 8.10 -2.96
C LEU B 81 11.66 9.03 -3.14
N ALA B 82 11.61 9.88 -4.16
CA ALA B 82 12.70 10.85 -4.39
C ALA B 82 12.85 11.87 -3.23
N ALA B 83 11.74 12.22 -2.59
CA ALA B 83 11.72 13.17 -1.46
C ALA B 83 12.29 12.52 -0.21
N GLU B 84 12.08 11.20 -0.08
CA GLU B 84 12.32 10.49 1.18
C GLU B 84 13.55 9.60 1.26
N HIS B 85 14.23 9.35 0.14
CA HIS B 85 15.35 8.38 0.10
C HIS B 85 16.43 8.87 -0.84
N PRO B 86 17.67 8.40 -0.63
CA PRO B 86 18.73 8.73 -1.56
C PRO B 86 18.33 8.27 -2.97
N PRO B 87 18.80 9.00 -3.99
CA PRO B 87 18.41 8.73 -5.36
C PRO B 87 18.52 7.27 -5.81
N ALA B 88 19.60 6.57 -5.47
CA ALA B 88 19.72 5.17 -5.93
C ALA B 88 18.64 4.29 -5.29
N THR B 89 18.36 4.52 -4.01
CA THR B 89 17.30 3.82 -3.30
C THR B 89 15.93 4.11 -3.88
N ALA B 90 15.65 5.38 -4.17
CA ALA B 90 14.39 5.75 -4.79
C ALA B 90 14.19 5.01 -6.12
N LEU B 91 15.24 4.98 -6.93
CA LEU B 91 15.17 4.34 -8.22
C LEU B 91 14.90 2.85 -8.10
N THR B 92 15.65 2.17 -7.25
CA THR B 92 15.52 0.70 -7.16
C THR B 92 14.18 0.31 -6.56
N ARG B 93 13.76 1.04 -5.53
CA ARG B 93 12.45 0.76 -4.94
C ARG B 93 11.33 0.99 -5.96
N TRP B 94 11.47 2.03 -6.77
CA TRP B 94 10.40 2.37 -7.71
C TRP B 94 10.34 1.34 -8.85
N LEU B 95 11.49 1.00 -9.42
CA LEU B 95 11.55 -0.02 -10.47
C LEU B 95 11.01 -1.37 -9.98
N THR B 96 11.29 -1.71 -8.71
CA THR B 96 10.76 -2.93 -8.10
C THR B 96 9.24 -2.90 -8.02
N SER B 97 8.69 -1.80 -7.51
CA SER B 97 7.23 -1.55 -7.49
CA SER B 97 7.23 -1.60 -7.46
C SER B 97 6.59 -1.70 -8.86
N LEU B 98 7.27 -1.15 -9.87
CA LEU B 98 6.79 -1.20 -11.24
C LEU B 98 6.69 -2.65 -11.75
N ALA B 99 7.76 -3.42 -11.54
CA ALA B 99 7.80 -4.84 -11.92
C ALA B 99 6.69 -5.64 -11.22
N VAL B 100 6.50 -5.39 -9.92
CA VAL B 100 5.44 -6.04 -9.14
C VAL B 100 4.05 -5.68 -9.71
N PHE B 101 3.82 -4.39 -9.93
CA PHE B 101 2.60 -3.91 -10.60
C PHE B 101 2.34 -4.67 -11.90
N GLY B 102 3.34 -4.72 -12.77
CA GLY B 102 3.20 -5.45 -14.04
C GLY B 102 2.87 -6.93 -13.79
N ALA B 103 3.61 -7.56 -12.89
CA ALA B 103 3.45 -9.00 -12.62
C ALA B 103 2.02 -9.37 -12.16
N VAL B 104 1.51 -8.65 -11.15
CA VAL B 104 0.18 -9.00 -10.60
C VAL B 104 -0.97 -8.48 -11.49
N THR B 105 -0.77 -7.33 -12.13
CA THR B 105 -1.78 -6.73 -13.02
C THR B 105 -2.05 -7.52 -14.33
N ARG B 106 -0.99 -8.08 -14.94
CA ARG B 106 -1.10 -8.99 -16.07
C ARG B 106 -1.89 -10.27 -15.73
N GLY B 107 -1.62 -10.84 -14.58
CA GLY B 107 -2.33 -12.04 -14.14
C GLY B 107 -3.80 -11.72 -13.97
N ALA B 108 -4.08 -10.60 -13.30
CA ALA B 108 -5.45 -10.14 -13.15
C ALA B 108 -6.09 -9.92 -14.52
N ALA B 109 -5.43 -9.14 -15.37
CA ALA B 109 -5.99 -8.86 -16.70
C ALA B 109 -6.22 -10.13 -17.54
N ARG B 110 -5.36 -11.13 -17.38
CA ARG B 110 -5.50 -12.41 -18.10
C ARG B 110 -6.70 -13.23 -17.61
N SER B 111 -6.89 -13.27 -16.30
CA SER B 111 -7.97 -14.06 -15.72
C SER B 111 -9.31 -13.36 -15.91
N LEU B 112 -9.31 -12.04 -15.82
CA LEU B 112 -10.55 -11.29 -15.87
C LEU B 112 -11.05 -11.07 -17.30
N LEU B 113 -10.13 -11.15 -18.27
CA LEU B 113 -10.49 -11.08 -19.69
C LEU B 113 -10.36 -12.45 -20.35
N ALA B 122 -5.78 -5.61 -21.76
CA ALA B 122 -4.70 -6.26 -21.01
C ALA B 122 -3.36 -5.48 -20.97
N ALA B 123 -3.19 -4.47 -21.83
CA ALA B 123 -1.95 -3.68 -21.96
C ALA B 123 -2.14 -2.21 -21.54
N LEU B 124 -1.05 -1.53 -21.15
CA LEU B 124 -1.13 -0.11 -20.77
C LEU B 124 -1.35 0.75 -22.01
N ASP B 125 -2.19 1.78 -21.88
CA ASP B 125 -2.36 2.71 -22.98
C ASP B 125 -1.13 3.60 -23.13
N SER B 126 -1.09 4.39 -24.19
CA SER B 126 0.05 5.22 -24.51
C SER B 126 0.37 6.32 -23.48
N ARG B 127 -0.68 6.95 -22.93
CA ARG B 127 -0.50 7.98 -21.89
C ARG B 127 0.17 7.37 -20.63
N CYS B 128 -0.30 6.20 -20.22
CA CYS B 128 0.27 5.48 -19.07
C CYS B 128 1.74 5.14 -19.27
N GLU B 129 2.09 4.60 -20.44
CA GLU B 129 3.48 4.33 -20.77
C GLU B 129 4.33 5.58 -20.75
N GLN B 130 3.76 6.68 -21.25
CA GLN B 130 4.44 7.98 -21.27
C GLN B 130 4.69 8.48 -19.84
N LEU B 131 3.67 8.39 -18.99
CA LEU B 131 3.82 8.85 -17.61
C LEU B 131 4.87 8.03 -16.86
N LEU B 132 4.82 6.71 -17.00
CA LEU B 132 5.82 5.85 -16.33
C LEU B 132 7.22 6.10 -16.85
N THR B 133 7.33 6.31 -18.15
CA THR B 133 8.63 6.62 -18.76
C THR B 133 9.26 7.91 -18.18
N GLU B 134 8.48 8.99 -18.09
CA GLU B 134 8.89 10.25 -17.46
C GLU B 134 9.38 10.02 -16.02
N ALA B 135 8.58 9.29 -15.25
CA ALA B 135 8.88 9.04 -13.83
C ALA B 135 10.18 8.29 -13.70
N GLY B 136 10.34 7.22 -14.48
CA GLY B 136 11.57 6.41 -14.45
C GLY B 136 12.80 7.21 -14.90
N ALA B 137 12.66 7.97 -15.99
CA ALA B 137 13.76 8.79 -16.54
C ALA B 137 14.21 9.83 -15.50
N ASP B 138 13.25 10.44 -14.81
CA ASP B 138 13.57 11.43 -13.78
C ASP B 138 14.34 10.79 -12.62
N LEU B 139 13.87 9.64 -12.13
CA LEU B 139 14.59 8.92 -11.08
C LEU B 139 15.99 8.48 -11.51
N LEU B 140 16.13 8.01 -12.74
CA LEU B 140 17.45 7.48 -13.14
C LEU B 140 18.44 8.63 -13.23
N ALA B 141 17.99 9.74 -13.82
CA ALA B 141 18.85 10.89 -14.04
C ALA B 141 19.40 11.41 -12.71
N ARG B 142 18.54 11.53 -11.70
CA ARG B 142 18.98 11.97 -10.37
C ARG B 142 20.03 11.06 -9.76
N ALA B 143 19.88 9.74 -9.95
CA ALA B 143 20.84 8.78 -9.38
C ALA B 143 22.15 8.72 -10.15
N GLN B 144 22.08 8.97 -11.45
CA GLN B 144 23.32 8.99 -12.25
C GLN B 144 24.07 10.29 -11.96
N GLU B 145 23.31 11.37 -11.75
CA GLU B 145 23.89 12.68 -11.47
C GLU B 145 24.71 12.71 -10.19
N ASP B 146 24.29 11.98 -9.16
CA ASP B 146 25.09 11.94 -7.93
C ASP B 146 26.07 10.78 -7.90
N GLY B 147 26.21 10.11 -9.04
CA GLY B 147 27.21 9.06 -9.22
C GLY B 147 27.02 7.76 -8.46
N THR B 148 25.79 7.51 -8.00
CA THR B 148 25.50 6.29 -7.25
C THR B 148 24.95 5.17 -8.14
N VAL B 149 24.49 5.54 -9.33
CA VAL B 149 24.06 4.56 -10.33
C VAL B 149 24.89 4.75 -11.60
N ARG B 150 25.33 3.63 -12.18
CA ARG B 150 26.10 3.61 -13.43
C ARG B 150 25.51 4.55 -14.49
N ASP B 151 26.39 5.31 -15.15
CA ASP B 151 25.94 6.33 -16.09
C ASP B 151 25.72 5.81 -17.51
N ASP B 152 25.96 4.52 -17.74
CA ASP B 152 25.92 3.95 -19.10
C ASP B 152 24.57 3.29 -19.47
N VAL B 153 23.61 3.32 -18.57
CA VAL B 153 22.33 2.70 -18.86
C VAL B 153 21.30 3.75 -19.15
N THR B 154 20.28 3.38 -19.89
CA THR B 154 19.24 4.32 -20.24
C THR B 154 17.95 4.00 -19.48
N ALA B 155 17.07 4.99 -19.40
CA ALA B 155 15.74 4.80 -18.82
C ALA B 155 14.95 3.73 -19.56
N LEU B 156 15.00 3.73 -20.91
CA LEU B 156 14.33 2.71 -21.70
C LEU B 156 14.81 1.31 -21.31
N GLU B 157 16.11 1.14 -21.17
CA GLU B 157 16.66 -0.16 -20.75
C GLU B 157 16.12 -0.66 -19.38
N LEU B 158 16.06 0.24 -18.41
CA LEU B 158 15.62 -0.18 -17.09
C LEU B 158 14.12 -0.46 -17.08
N LEU B 159 13.36 0.36 -17.80
CA LEU B 159 11.92 0.16 -17.95
C LEU B 159 11.63 -1.16 -18.68
N SER B 160 12.44 -1.47 -19.69
CA SER B 160 12.33 -2.73 -20.43
C SER B 160 12.61 -3.91 -19.52
N LEU B 161 13.61 -3.76 -18.64
CA LEU B 161 13.90 -4.82 -17.67
C LEU B 161 12.73 -5.05 -16.68
N ALA B 162 12.16 -3.98 -16.15
CA ALA B 162 11.01 -4.09 -15.24
C ALA B 162 9.86 -4.76 -15.99
N ASN B 163 9.59 -4.29 -17.20
CA ASN B 163 8.52 -4.86 -18.02
C ASN B 163 8.78 -6.33 -18.29
N ALA B 164 10.01 -6.67 -18.67
CA ALA B 164 10.35 -8.06 -18.96
C ALA B 164 10.16 -8.95 -17.71
N VAL B 165 10.56 -8.45 -16.54
CA VAL B 165 10.40 -9.21 -15.30
C VAL B 165 8.90 -9.43 -15.02
N SER B 166 8.08 -8.40 -15.24
CA SER B 166 6.62 -8.55 -15.14
C SER B 166 6.10 -9.71 -16.01
N LEU B 167 6.53 -9.74 -17.27
CA LEU B 167 6.15 -10.83 -18.21
C LEU B 167 6.61 -12.20 -17.69
N ALA B 168 7.84 -12.27 -17.18
CA ALA B 168 8.38 -13.53 -16.62
C ALA B 168 7.68 -14.01 -15.33
N ALA B 169 7.16 -13.06 -14.55
CA ALA B 169 6.61 -13.37 -13.23
C ALA B 169 5.10 -13.66 -13.25
N GLU B 170 4.41 -13.21 -14.30
CA GLU B 170 2.95 -13.15 -14.26
C GLU B 170 2.26 -14.52 -14.18
N HIS B 171 2.89 -15.57 -14.72
CA HIS B 171 2.29 -16.91 -14.71
C HIS B 171 2.78 -17.77 -13.54
N THR B 172 3.48 -17.16 -12.59
CA THR B 172 4.05 -17.88 -11.45
C THR B 172 3.02 -17.84 -10.32
N PRO B 173 3.13 -18.76 -9.35
CA PRO B 173 2.17 -18.84 -8.25
C PRO B 173 2.34 -17.72 -7.25
N ASP B 174 3.51 -17.08 -7.24
CA ASP B 174 3.77 -16.06 -6.27
C ASP B 174 4.28 -14.81 -7.00
N ALA B 175 3.44 -14.25 -7.87
CA ALA B 175 3.91 -13.30 -8.89
C ALA B 175 4.64 -12.07 -8.28
N ALA B 176 4.06 -11.49 -7.24
CA ALA B 176 4.71 -10.34 -6.57
C ALA B 176 6.09 -10.70 -6.00
N HIS B 177 6.21 -11.83 -5.30
CA HIS B 177 7.51 -12.28 -4.78
C HIS B 177 8.49 -12.61 -5.93
N HIS B 178 7.98 -13.23 -6.98
CA HIS B 178 8.87 -13.64 -8.09
C HIS B 178 9.48 -12.37 -8.74
N ALA B 179 8.63 -11.38 -8.98
CA ALA B 179 9.09 -10.12 -9.58
C ALA B 179 10.09 -9.42 -8.65
N THR B 180 9.80 -9.40 -7.36
CA THR B 180 10.73 -8.83 -6.36
C THR B 180 12.12 -9.49 -6.41
N ARG B 181 12.14 -10.82 -6.41
CA ARG B 181 13.36 -11.63 -6.53
C ARG B 181 14.18 -11.28 -7.75
N LEU B 182 13.55 -11.29 -8.91
CA LEU B 182 14.24 -11.00 -10.16
C LEU B 182 14.75 -9.58 -10.21
N MET B 183 13.95 -8.62 -9.75
CA MET B 183 14.42 -7.22 -9.71
C MET B 183 15.59 -7.03 -8.75
N GLY B 184 15.55 -7.74 -7.63
CA GLY B 184 16.68 -7.77 -6.69
C GLY B 184 17.99 -8.14 -7.38
N ILE B 185 17.93 -9.16 -8.23
CA ILE B 185 19.09 -9.57 -9.03
C ILE B 185 19.38 -8.58 -10.15
N ALA B 186 18.38 -8.22 -10.95
CA ALA B 186 18.63 -7.33 -12.08
C ALA B 186 19.25 -6.00 -11.63
N LEU B 187 18.81 -5.50 -10.46
CA LEU B 187 19.26 -4.18 -10.05
C LEU B 187 20.52 -4.23 -9.17
N GLY B 188 20.65 -5.29 -8.39
CA GLY B 188 21.82 -5.52 -7.54
C GLY B 188 23.00 -6.13 -8.27
N GLY B 189 22.69 -6.90 -9.32
CA GLY B 189 23.70 -7.69 -10.04
C GLY B 189 24.13 -8.95 -9.29
N LEU B 190 24.94 -9.79 -9.96
CA LEU B 190 25.36 -11.08 -9.41
C LEU B 190 26.53 -11.02 -8.46
N GLY B 191 27.29 -9.93 -8.54
CA GLY B 191 28.54 -9.80 -7.78
C GLY B 191 28.37 -10.10 -6.31
N ALA B 192 29.25 -10.94 -5.79
CA ALA B 192 29.25 -11.30 -4.37
C ALA B 192 29.58 -10.06 -3.53
N PRO B 193 28.77 -9.81 -2.47
CA PRO B 193 28.77 -8.54 -1.74
C PRO B 193 30.10 -8.16 -1.09
C ACT C . 8.43 17.87 2.21
O ACT C . 9.05 17.01 2.77
OXT ACT C . 7.26 17.53 1.94
CH3 ACT C . 9.05 19.20 1.88
#